data_5G49
#
_entry.id   5G49
#
_cell.length_a   68.344
_cell.length_b   81.691
_cell.length_c   95.998
_cell.angle_alpha   90.00
_cell.angle_beta   90.00
_cell.angle_gamma   90.00
#
_symmetry.space_group_name_H-M   'C 2 2 21'
#
loop_
_entity.id
_entity.type
_entity.pdbx_description
1 polymer 'NUCLEAR TRANSCRIPTION FACTOR Y SUBUNIT B-6'
2 polymer 'NUCLEAR TRANSCRIPTION FACTOR Y SUBUNIT C-3'
3 non-polymer 'CALCIUM ION'
4 non-polymer 'ACETATE ION'
5 water water
#
loop_
_entity_poly.entity_id
_entity_poly.type
_entity_poly.pdbx_seq_one_letter_code
_entity_poly.pdbx_strand_id
1 'polypeptide(L)'
;GSHMTVREQDRFMPIANVIRIMRRILPAHAKISDDSKETIQECVSEYISFITGEANERCQREQRKTITAEDVLWAMSKLG
FDDYIEPLTLYLHRYRE
;
A
2 'polypeptide(L)'
;MTQFKEIEKTTDFKNHSLPLARIKKIMKADEDVRMISAEAPVVFARACEMFILELTLRSWNHTEENKRRTLQKNDIAAAV
TRTDIFDFLVDIVPR
;
B
#
# COMPACT_ATOMS: atom_id res chain seq x y z
N GLY A 1 3.29 -6.82 -29.14
CA GLY A 1 3.01 -5.47 -29.57
C GLY A 1 2.63 -4.53 -28.43
N SER A 2 1.78 -3.55 -28.73
CA SER A 2 1.42 -2.54 -27.73
C SER A 2 0.17 -1.80 -28.18
N HIS A 3 -0.51 -1.22 -27.19
CA HIS A 3 -1.67 -0.37 -27.38
C HIS A 3 -1.65 0.68 -26.28
N MET A 4 -2.56 1.65 -26.39
CA MET A 4 -2.61 2.76 -25.45
C MET A 4 -3.68 2.55 -24.36
N THR A 5 -3.45 3.20 -23.22
CA THR A 5 -4.45 3.35 -22.17
C THR A 5 -4.39 4.76 -21.61
N VAL A 6 -5.39 5.09 -20.78
CA VAL A 6 -5.43 6.32 -20.02
C VAL A 6 -5.16 5.98 -18.56
N ARG A 7 -4.26 6.72 -17.94
CA ARG A 7 -3.88 6.54 -16.54
C ARG A 7 -4.68 7.55 -15.71
N GLU A 8 -5.81 7.14 -15.14
CA GLU A 8 -6.69 8.11 -14.50
C GLU A 8 -6.16 8.48 -13.11
N GLN A 9 -6.14 9.77 -12.83
CA GLN A 9 -5.52 10.22 -11.58
C GLN A 9 -6.34 9.82 -10.36
N ASP A 10 -7.66 9.70 -10.50
CA ASP A 10 -8.47 9.31 -9.36
C ASP A 10 -8.39 7.81 -9.07
N ARG A 11 -7.58 7.05 -9.81
CA ARG A 11 -7.36 5.65 -9.51
C ARG A 11 -6.01 5.40 -8.83
N PHE A 12 -5.31 6.44 -8.39
CA PHE A 12 -4.05 6.28 -7.68
C PHE A 12 -3.96 7.31 -6.56
N MET A 13 -3.13 7.01 -5.57
CA MET A 13 -2.85 7.98 -4.53
C MET A 13 -2.09 9.16 -5.12
N PRO A 14 -2.33 10.37 -4.63
CA PRO A 14 -1.60 11.52 -5.17
C PRO A 14 -0.11 11.35 -4.97
N ILE A 15 0.65 11.63 -6.04
CA ILE A 15 2.07 11.31 -6.08
C ILE A 15 2.82 12.00 -4.95
N ALA A 16 2.42 13.22 -4.59
CA ALA A 16 3.12 13.98 -3.56
C ALA A 16 3.09 13.26 -2.21
N ASN A 17 1.91 12.78 -1.80
CA ASN A 17 1.78 12.05 -0.55
C ASN A 17 2.63 10.79 -0.56
N VAL A 18 2.66 10.09 -1.70
CA VAL A 18 3.44 8.87 -1.78
C VAL A 18 4.92 9.18 -1.64
N ILE A 19 5.41 10.18 -2.39
CA ILE A 19 6.82 10.55 -2.37
C ILE A 19 7.25 10.95 -0.96
N ARG A 20 6.38 11.68 -0.25
CA ARG A 20 6.75 12.20 1.06
C ARG A 20 6.94 11.07 2.06
N ILE A 21 6.12 10.03 1.96
CA ILE A 21 6.32 8.84 2.78
C ILE A 21 7.62 8.15 2.41
N MET A 22 7.86 7.93 1.11
CA MET A 22 9.10 7.26 0.68
C MET A 22 10.33 7.93 1.28
N ARG A 23 10.35 9.27 1.35
CA ARG A 23 11.55 9.94 1.82
C ARG A 23 11.75 9.83 3.33
N ARG A 24 10.70 9.50 4.10
N ARG A 24 10.69 9.49 4.09
CA ARG A 24 10.89 9.35 5.54
CA ARG A 24 10.86 9.34 5.53
C ARG A 24 11.76 8.15 5.88
C ARG A 24 11.76 8.16 5.87
N ILE A 25 11.76 7.12 5.02
CA ILE A 25 12.50 5.91 5.26
C ILE A 25 13.81 5.85 4.47
N LEU A 26 14.13 6.88 3.70
CA LEU A 26 15.34 6.89 2.91
C LEU A 26 16.35 7.90 3.45
N PRO A 27 17.64 7.71 3.19
CA PRO A 27 18.62 8.72 3.60
C PRO A 27 18.30 10.08 2.99
N ALA A 28 18.78 11.12 3.67
CA ALA A 28 18.40 12.49 3.33
C ALA A 28 18.60 12.79 1.85
N HIS A 29 19.77 12.45 1.30
CA HIS A 29 20.11 12.83 -0.06
C HIS A 29 19.93 11.70 -1.05
N ALA A 30 19.09 10.71 -0.72
CA ALA A 30 18.76 9.67 -1.68
C ALA A 30 17.88 10.23 -2.79
N LYS A 31 18.05 9.71 -4.00
CA LYS A 31 17.25 10.14 -5.13
C LYS A 31 16.30 9.04 -5.56
N ILE A 32 15.19 9.45 -6.18
CA ILE A 32 14.16 8.53 -6.65
C ILE A 32 13.87 8.85 -8.11
N SER A 33 14.03 7.87 -8.99
CA SER A 33 13.78 8.12 -10.40
C SER A 33 12.28 8.29 -10.64
N ASP A 34 11.96 8.95 -11.76
CA ASP A 34 10.56 9.19 -12.12
C ASP A 34 9.81 7.88 -12.30
N ASP A 35 10.40 6.90 -12.98
CA ASP A 35 9.76 5.59 -13.11
C ASP A 35 9.44 4.98 -11.75
N SER A 36 10.37 5.07 -10.80
CA SER A 36 10.15 4.51 -9.47
C SER A 36 8.95 5.15 -8.80
N LYS A 37 8.84 6.48 -8.88
CA LYS A 37 7.70 7.16 -8.27
C LYS A 37 6.39 6.61 -8.84
N GLU A 38 6.30 6.51 -10.17
CA GLU A 38 5.09 5.96 -10.79
C GLU A 38 4.87 4.52 -10.38
N THR A 39 5.94 3.73 -10.33
CA THR A 39 5.80 2.31 -10.03
C THR A 39 5.28 2.10 -8.60
N ILE A 40 5.85 2.81 -7.63
CA ILE A 40 5.37 2.69 -6.26
C ILE A 40 3.90 3.09 -6.19
N GLN A 41 3.54 4.15 -6.91
CA GLN A 41 2.17 4.62 -6.88
C GLN A 41 1.22 3.58 -7.47
N GLU A 42 1.69 2.83 -8.48
CA GLU A 42 0.87 1.77 -9.05
C GLU A 42 0.75 0.59 -8.10
N CYS A 43 1.87 0.19 -7.47
CA CYS A 43 1.84 -0.91 -6.50
C CYS A 43 0.85 -0.65 -5.37
N VAL A 44 0.69 0.62 -4.97
CA VAL A 44 -0.23 0.94 -3.87
C VAL A 44 -1.67 0.61 -4.26
N SER A 45 -2.09 0.98 -5.47
CA SER A 45 -3.45 0.67 -5.91
C SER A 45 -3.64 -0.83 -6.04
N GLU A 46 -2.65 -1.54 -6.58
CA GLU A 46 -2.72 -2.99 -6.66
C GLU A 46 -2.86 -3.61 -5.28
N TYR A 47 -2.18 -3.05 -4.28
CA TYR A 47 -2.26 -3.56 -2.92
C TYR A 47 -3.68 -3.41 -2.36
N ILE A 48 -4.30 -2.25 -2.58
CA ILE A 48 -5.70 -2.09 -2.18
C ILE A 48 -6.59 -3.11 -2.88
N SER A 49 -6.44 -3.27 -4.21
CA SER A 49 -7.33 -4.18 -4.92
C SER A 49 -7.12 -5.63 -4.49
N PHE A 50 -5.86 -6.03 -4.29
CA PHE A 50 -5.53 -7.38 -3.84
C PHE A 50 -6.25 -7.71 -2.52
N ILE A 51 -6.09 -6.85 -1.52
CA ILE A 51 -6.66 -7.12 -0.20
C ILE A 51 -8.18 -6.97 -0.22
N THR A 52 -8.69 -5.97 -0.94
CA THR A 52 -10.14 -5.79 -1.05
C THR A 52 -10.81 -7.00 -1.71
N GLY A 53 -10.19 -7.54 -2.77
CA GLY A 53 -10.78 -8.69 -3.44
C GLY A 53 -10.90 -9.91 -2.54
N GLU A 54 -9.85 -10.19 -1.75
CA GLU A 54 -9.90 -11.30 -0.80
C GLU A 54 -10.99 -11.08 0.23
N ALA A 55 -11.12 -9.85 0.76
CA ALA A 55 -12.16 -9.56 1.74
C ALA A 55 -13.54 -9.63 1.11
N ASN A 56 -13.70 -9.05 -0.07
CA ASN A 56 -15.01 -9.05 -0.71
C ASN A 56 -15.45 -10.46 -1.07
N GLU A 57 -14.51 -11.34 -1.45
CA GLU A 57 -14.90 -12.69 -1.83
C GLU A 57 -15.53 -13.44 -0.66
N ARG A 58 -14.98 -13.27 0.54
CA ARG A 58 -15.56 -13.95 1.67
C ARG A 58 -16.95 -13.41 1.98
N CYS A 59 -17.14 -12.08 1.93
CA CYS A 59 -18.48 -11.51 2.08
C CYS A 59 -19.48 -12.18 1.16
N GLN A 60 -19.13 -12.32 -0.12
CA GLN A 60 -20.02 -13.02 -1.05
C GLN A 60 -20.31 -14.44 -0.59
N ARG A 61 -19.30 -15.17 -0.10
CA ARG A 61 -19.58 -16.51 0.39
C ARG A 61 -20.51 -16.49 1.60
N GLU A 62 -20.42 -15.45 2.42
CA GLU A 62 -21.27 -15.35 3.60
C GLU A 62 -22.53 -14.53 3.36
N GLN A 63 -22.79 -14.14 2.11
CA GLN A 63 -23.97 -13.36 1.74
C GLN A 63 -24.09 -12.10 2.60
N ARG A 64 -22.95 -11.42 2.78
CA ARG A 64 -22.90 -10.10 3.38
C ARG A 64 -22.63 -9.05 2.31
N LYS A 65 -23.16 -7.86 2.51
CA LYS A 65 -23.05 -6.77 1.54
C LYS A 65 -21.99 -5.74 1.85
N THR A 66 -21.53 -5.67 3.10
CA THR A 66 -20.64 -4.60 3.52
C THR A 66 -19.29 -5.16 3.94
N ILE A 67 -18.22 -4.63 3.36
CA ILE A 67 -16.86 -4.94 3.77
C ILE A 67 -16.53 -4.18 5.05
N THR A 68 -16.20 -4.91 6.11
CA THR A 68 -15.90 -4.27 7.38
C THR A 68 -14.40 -4.10 7.57
N ALA A 69 -14.05 -3.26 8.54
CA ALA A 69 -12.66 -3.18 8.98
C ALA A 69 -12.14 -4.56 9.36
N GLU A 70 -12.99 -5.36 10.02
CA GLU A 70 -12.56 -6.71 10.38
C GLU A 70 -12.29 -7.57 9.15
N ASP A 71 -13.14 -7.49 8.12
CA ASP A 71 -12.87 -8.24 6.89
C ASP A 71 -11.52 -7.86 6.30
N VAL A 72 -11.15 -6.58 6.38
CA VAL A 72 -9.86 -6.15 5.86
C VAL A 72 -8.72 -6.81 6.64
N LEU A 73 -8.78 -6.78 7.98
CA LEU A 73 -7.69 -7.36 8.74
C LEU A 73 -7.63 -8.86 8.56
N TRP A 74 -8.79 -9.53 8.54
CA TRP A 74 -8.84 -10.94 8.22
C TRP A 74 -8.18 -11.23 6.87
N ALA A 75 -8.46 -10.42 5.85
CA ALA A 75 -7.91 -10.71 4.53
C ALA A 75 -6.41 -10.45 4.50
N MET A 76 -5.95 -9.37 5.16
CA MET A 76 -4.52 -9.13 5.24
C MET A 76 -3.81 -10.29 5.91
N SER A 77 -4.41 -10.84 6.97
CA SER A 77 -3.83 -11.99 7.64
C SER A 77 -3.89 -13.24 6.76
N LYS A 78 -5.02 -13.47 6.08
CA LYS A 78 -5.11 -14.66 5.25
C LYS A 78 -4.08 -14.63 4.13
N LEU A 79 -3.77 -13.44 3.63
CA LEU A 79 -2.82 -13.26 2.55
C LEU A 79 -1.37 -13.10 3.04
N GLY A 80 -1.11 -13.28 4.34
CA GLY A 80 0.25 -13.35 4.84
C GLY A 80 0.90 -12.05 5.28
N PHE A 81 0.14 -10.96 5.47
CA PHE A 81 0.74 -9.72 5.96
C PHE A 81 0.88 -9.71 7.50
N ASP A 82 1.59 -10.72 8.02
CA ASP A 82 1.66 -10.97 9.46
C ASP A 82 2.21 -9.77 10.24
N ASP A 83 3.27 -9.12 9.73
CA ASP A 83 3.86 -8.00 10.46
C ASP A 83 2.94 -6.78 10.54
N TYR A 84 1.87 -6.75 9.74
CA TYR A 84 0.96 -5.62 9.65
C TYR A 84 -0.17 -5.66 10.67
N ILE A 85 -0.54 -6.85 11.15
CA ILE A 85 -1.84 -7.03 11.81
C ILE A 85 -1.88 -6.27 13.15
N GLU A 86 -0.90 -6.50 14.03
CA GLU A 86 -0.98 -5.89 15.36
C GLU A 86 -0.95 -4.36 15.30
N PRO A 87 -0.08 -3.70 14.52
CA PRO A 87 -0.18 -2.23 14.44
C PRO A 87 -1.52 -1.72 13.90
N LEU A 88 -2.08 -2.38 12.87
CA LEU A 88 -3.35 -1.89 12.35
C LEU A 88 -4.48 -2.15 13.34
N THR A 89 -4.45 -3.29 14.02
CA THR A 89 -5.48 -3.58 15.00
C THR A 89 -5.47 -2.58 16.16
N LEU A 90 -4.28 -2.21 16.67
CA LEU A 90 -4.27 -1.22 17.74
C LEU A 90 -4.68 0.15 17.22
N TYR A 91 -4.24 0.51 16.02
CA TYR A 91 -4.66 1.78 15.44
C TYR A 91 -6.17 1.80 15.24
N LEU A 92 -6.76 0.68 14.79
CA LEU A 92 -8.20 0.59 14.64
C LEU A 92 -8.89 0.71 16.00
N HIS A 93 -8.34 0.08 17.02
CA HIS A 93 -9.00 0.10 18.32
C HIS A 93 -8.93 1.48 18.96
N ARG A 94 -7.82 2.19 18.78
CA ARG A 94 -7.77 3.53 19.35
C ARG A 94 -8.67 4.49 18.58
N TYR A 95 -8.71 4.33 17.25
CA TYR A 95 -9.62 5.09 16.40
C TYR A 95 -11.06 5.02 16.90
N ARG A 96 -11.48 3.86 17.40
CA ARG A 96 -12.84 3.65 17.89
C ARG A 96 -13.09 4.20 19.28
N GLU A 97 -12.05 4.53 20.05
CA GLU A 97 -12.27 5.00 21.43
C GLU A 97 -12.98 6.35 21.46
N THR B 2 9.96 -7.47 9.27
CA THR B 2 9.77 -6.03 9.33
C THR B 2 9.10 -5.64 10.62
N GLN B 3 9.67 -4.66 11.33
CA GLN B 3 9.11 -4.20 12.60
C GLN B 3 8.57 -2.79 12.39
N PHE B 4 7.24 -2.69 12.29
CA PHE B 4 6.59 -1.40 12.20
C PHE B 4 6.41 -0.82 13.60
N LYS B 5 6.49 0.51 13.69
CA LYS B 5 6.29 1.20 14.95
C LYS B 5 5.68 2.57 14.67
N GLU B 6 4.84 3.03 15.58
CA GLU B 6 4.21 4.34 15.42
C GLU B 6 5.07 5.42 16.08
N ILE B 7 5.15 6.57 15.42
CA ILE B 7 5.84 7.73 15.97
C ILE B 7 4.77 8.75 16.36
N GLU B 8 4.50 8.87 17.66
CA GLU B 8 3.67 9.97 18.13
C GLU B 8 4.37 11.28 17.83
N LYS B 9 3.63 12.26 17.33
CA LYS B 9 4.36 13.41 16.79
C LYS B 9 3.46 14.61 16.54
N THR B 10 3.59 15.62 17.40
CA THR B 10 3.34 17.01 17.08
C THR B 10 3.70 17.26 15.62
N THR B 11 2.89 18.01 14.92
CA THR B 11 2.91 18.49 13.53
C THR B 11 2.11 17.58 12.60
N ASP B 12 1.69 16.43 13.07
CA ASP B 12 0.73 15.64 12.30
C ASP B 12 -0.68 16.04 12.71
N PHE B 13 -1.50 16.40 11.73
CA PHE B 13 -2.88 16.74 12.05
C PHE B 13 -3.64 15.49 12.49
N LYS B 14 -3.48 14.40 11.76
CA LYS B 14 -4.16 13.15 12.05
C LYS B 14 -3.14 12.04 12.33
N ASN B 15 -3.61 10.80 12.29
CA ASN B 15 -2.77 9.61 12.37
C ASN B 15 -2.58 8.93 11.02
N HIS B 16 -2.96 9.61 9.93
CA HIS B 16 -2.75 9.13 8.57
C HIS B 16 -2.61 10.35 7.67
N SER B 17 -2.04 10.12 6.48
CA SER B 17 -1.87 11.22 5.53
C SER B 17 -2.23 10.82 4.11
N LEU B 18 -3.06 9.79 3.92
CA LEU B 18 -3.51 9.42 2.58
C LEU B 18 -5.02 9.59 2.45
N PRO B 19 -5.52 10.11 1.32
CA PRO B 19 -6.93 10.56 1.23
C PRO B 19 -7.92 9.40 1.27
N LEU B 20 -8.79 9.42 2.28
CA LEU B 20 -9.77 8.34 2.39
C LEU B 20 -10.66 8.26 1.14
N ALA B 21 -11.02 9.41 0.56
CA ALA B 21 -11.94 9.37 -0.57
C ALA B 21 -11.32 8.67 -1.77
N ARG B 22 -10.01 8.86 -2.00
CA ARG B 22 -9.34 8.23 -3.12
C ARG B 22 -9.14 6.72 -2.90
N ILE B 23 -8.90 6.31 -1.64
CA ILE B 23 -8.87 4.89 -1.29
C ILE B 23 -10.20 4.24 -1.62
N LYS B 24 -11.30 4.91 -1.27
CA LYS B 24 -12.63 4.37 -1.50
C LYS B 24 -12.88 4.15 -2.99
N LYS B 25 -12.50 5.12 -3.84
CA LYS B 25 -12.69 4.94 -5.29
C LYS B 25 -11.86 3.77 -5.81
N ILE B 26 -10.66 3.58 -5.27
CA ILE B 26 -9.85 2.45 -5.74
C ILE B 26 -10.50 1.13 -5.33
N MET B 27 -11.08 1.05 -4.11
CA MET B 27 -11.77 -0.20 -3.78
C MET B 27 -13.03 -0.41 -4.62
N LYS B 28 -13.71 0.67 -5.02
CA LYS B 28 -14.95 0.50 -5.75
C LYS B 28 -14.76 0.15 -7.22
N ALA B 29 -13.55 0.26 -7.77
CA ALA B 29 -13.34 -0.10 -9.17
C ALA B 29 -13.52 -1.60 -9.43
N ASP B 30 -13.44 -2.44 -8.41
CA ASP B 30 -13.93 -3.81 -8.49
C ASP B 30 -15.46 -3.80 -8.50
N GLU B 31 -16.07 -4.05 -9.66
CA GLU B 31 -17.53 -3.96 -9.76
C GLU B 31 -18.26 -4.97 -8.88
N ASP B 32 -17.58 -5.99 -8.38
CA ASP B 32 -18.22 -6.89 -7.44
C ASP B 32 -18.29 -6.34 -6.02
N VAL B 33 -17.68 -5.18 -5.76
CA VAL B 33 -17.70 -4.58 -4.42
C VAL B 33 -18.99 -3.78 -4.26
N ARG B 34 -19.87 -4.23 -3.37
CA ARG B 34 -21.13 -3.52 -3.17
C ARG B 34 -20.98 -2.36 -2.19
N MET B 35 -20.75 -2.65 -0.90
CA MET B 35 -20.76 -1.63 0.15
C MET B 35 -19.51 -1.71 1.02
N ILE B 36 -19.03 -0.55 1.44
CA ILE B 36 -17.76 -0.41 2.18
C ILE B 36 -18.01 0.35 3.48
N SER B 37 -17.75 -0.29 4.61
CA SER B 37 -17.82 0.41 5.89
C SER B 37 -16.93 1.64 5.85
N ALA B 38 -17.33 2.70 6.55
CA ALA B 38 -16.46 3.86 6.62
C ALA B 38 -15.14 3.56 7.35
N GLU B 39 -15.06 2.45 8.11
CA GLU B 39 -13.80 2.15 8.81
C GLU B 39 -12.78 1.49 7.90
N ALA B 40 -13.22 0.79 6.85
CA ALA B 40 -12.27 0.11 5.98
C ALA B 40 -11.27 1.06 5.34
N PRO B 41 -11.66 2.18 4.72
CA PRO B 41 -10.63 3.10 4.20
C PRO B 41 -9.72 3.63 5.29
N VAL B 42 -10.22 3.72 6.53
CA VAL B 42 -9.39 4.21 7.63
C VAL B 42 -8.25 3.23 7.89
N VAL B 43 -8.54 1.92 7.85
CA VAL B 43 -7.51 0.89 7.99
C VAL B 43 -6.50 0.98 6.84
N PHE B 44 -7.01 1.08 5.59
CA PHE B 44 -6.14 1.09 4.41
C PHE B 44 -5.23 2.31 4.40
N ALA B 45 -5.68 3.42 4.99
CA ALA B 45 -4.89 4.64 4.93
C ALA B 45 -3.58 4.48 5.70
N ARG B 46 -3.60 3.78 6.84
CA ARG B 46 -2.36 3.43 7.53
C ARG B 46 -1.68 2.23 6.87
N ALA B 47 -2.46 1.23 6.45
CA ALA B 47 -1.86 0.05 5.83
C ALA B 47 -1.08 0.41 4.57
N CYS B 48 -1.59 1.38 3.78
CA CYS B 48 -0.88 1.78 2.57
C CYS B 48 0.41 2.49 2.91
N GLU B 49 0.40 3.30 3.98
CA GLU B 49 1.64 3.96 4.39
C GLU B 49 2.69 2.92 4.80
N MET B 50 2.29 1.95 5.62
CA MET B 50 3.20 0.87 6.00
C MET B 50 3.71 0.11 4.78
N PHE B 51 2.83 -0.18 3.83
CA PHE B 51 3.26 -0.94 2.64
C PHE B 51 4.25 -0.12 1.83
N ILE B 52 4.02 1.19 1.70
CA ILE B 52 4.94 2.05 0.99
C ILE B 52 6.31 2.08 1.67
N LEU B 53 6.31 2.12 3.01
CA LEU B 53 7.58 2.17 3.72
C LEU B 53 8.36 0.89 3.49
N GLU B 54 7.70 -0.26 3.55
CA GLU B 54 8.44 -1.51 3.46
C GLU B 54 8.95 -1.74 2.05
N LEU B 55 8.09 -1.52 1.03
CA LEU B 55 8.52 -1.71 -0.35
C LEU B 55 9.64 -0.75 -0.71
N THR B 56 9.58 0.48 -0.21
CA THR B 56 10.65 1.43 -0.48
C THR B 56 11.95 0.98 0.15
N LEU B 57 11.88 0.48 1.39
CA LEU B 57 13.07 0.09 2.12
C LEU B 57 13.74 -1.14 1.50
N ARG B 58 12.93 -2.15 1.12
CA ARG B 58 13.47 -3.35 0.50
CA ARG B 58 13.50 -3.34 0.52
C ARG B 58 14.07 -3.04 -0.87
N SER B 59 13.47 -2.11 -1.61
CA SER B 59 14.04 -1.68 -2.88
C SER B 59 15.37 -0.94 -2.65
N TRP B 60 15.40 -0.07 -1.64
CA TRP B 60 16.62 0.67 -1.33
C TRP B 60 17.74 -0.26 -0.86
N ASN B 61 17.40 -1.38 -0.23
CA ASN B 61 18.44 -2.36 0.11
C ASN B 61 19.15 -2.83 -1.16
N HIS B 62 18.38 -3.09 -2.22
CA HIS B 62 18.97 -3.51 -3.47
C HIS B 62 19.78 -2.39 -4.11
N THR B 63 19.30 -1.14 -4.00
CA THR B 63 20.07 0.00 -4.49
C THR B 63 21.45 0.04 -3.84
N GLU B 64 21.49 -0.01 -2.51
CA GLU B 64 22.77 0.08 -1.81
C GLU B 64 23.66 -1.10 -2.17
N GLU B 65 23.06 -2.29 -2.34
CA GLU B 65 23.84 -3.46 -2.76
C GLU B 65 24.57 -3.22 -4.07
N ASN B 66 24.00 -2.42 -4.96
CA ASN B 66 24.62 -2.09 -6.23
C ASN B 66 25.33 -0.75 -6.22
N LYS B 67 25.62 -0.21 -5.03
CA LYS B 67 26.51 0.94 -4.90
C LYS B 67 25.94 2.16 -5.63
N ARG B 68 24.63 2.35 -5.54
CA ARG B 68 23.97 3.47 -6.17
C ARG B 68 23.28 4.32 -5.11
N ARG B 69 23.01 5.57 -5.46
CA ARG B 69 22.28 6.48 -4.57
C ARG B 69 20.96 6.94 -5.16
N THR B 70 20.48 6.28 -6.22
CA THR B 70 19.19 6.56 -6.84
C THR B 70 18.35 5.30 -6.89
N LEU B 71 17.15 5.34 -6.28
CA LEU B 71 16.24 4.21 -6.32
C LEU B 71 15.63 4.08 -7.72
N GLN B 72 15.86 2.92 -8.36
CA GLN B 72 15.44 2.69 -9.73
C GLN B 72 14.44 1.54 -9.78
N LYS B 73 13.76 1.44 -10.91
CA LYS B 73 12.66 0.49 -11.04
C LYS B 73 13.14 -0.95 -10.89
N ASN B 74 14.34 -1.25 -11.40
CA ASN B 74 14.90 -2.60 -11.22
C ASN B 74 15.19 -2.93 -9.75
N ASP B 75 15.34 -1.92 -8.88
CA ASP B 75 15.44 -2.19 -7.44
C ASP B 75 14.10 -2.61 -6.86
N ILE B 76 13.01 -1.95 -7.28
CA ILE B 76 11.66 -2.38 -6.91
C ILE B 76 11.40 -3.80 -7.40
N ALA B 77 11.80 -4.10 -8.64
CA ALA B 77 11.59 -5.44 -9.18
C ALA B 77 12.32 -6.49 -8.37
N ALA B 78 13.55 -6.19 -7.92
CA ALA B 78 14.27 -7.15 -7.09
C ALA B 78 13.56 -7.35 -5.75
N ALA B 79 13.06 -6.27 -5.15
CA ALA B 79 12.36 -6.39 -3.87
C ALA B 79 11.10 -7.22 -4.00
N VAL B 80 10.38 -7.07 -5.12
CA VAL B 80 9.15 -7.83 -5.33
C VAL B 80 9.46 -9.30 -5.54
N THR B 81 10.61 -9.59 -6.16
CA THR B 81 11.02 -10.96 -6.45
C THR B 81 11.41 -11.73 -5.19
N ARG B 82 12.02 -11.05 -4.21
CA ARG B 82 12.52 -11.71 -3.00
C ARG B 82 11.49 -11.84 -1.88
N THR B 83 10.51 -10.92 -1.79
CA THR B 83 9.62 -10.83 -0.64
C THR B 83 8.33 -11.57 -0.97
N ASP B 84 8.06 -12.67 -0.25
CA ASP B 84 6.93 -13.52 -0.62
C ASP B 84 5.60 -12.77 -0.58
N ILE B 85 5.41 -11.88 0.40
CA ILE B 85 4.16 -11.13 0.50
C ILE B 85 3.99 -10.14 -0.65
N PHE B 86 5.04 -9.92 -1.45
CA PHE B 86 4.95 -9.04 -2.60
C PHE B 86 4.78 -9.81 -3.90
N ASP B 87 4.51 -11.12 -3.82
CA ASP B 87 4.39 -11.90 -5.05
C ASP B 87 3.29 -11.36 -5.96
N PHE B 88 2.17 -10.89 -5.39
CA PHE B 88 1.06 -10.34 -6.19
C PHE B 88 1.49 -9.20 -7.09
N LEU B 89 2.69 -8.65 -6.89
CA LEU B 89 3.15 -7.52 -7.68
C LEU B 89 4.04 -7.91 -8.87
N VAL B 90 4.35 -9.19 -9.09
CA VAL B 90 5.39 -9.51 -10.07
C VAL B 90 4.98 -9.12 -11.48
N ASP B 91 3.69 -9.18 -11.80
CA ASP B 91 3.25 -8.73 -13.11
C ASP B 91 3.31 -7.21 -13.22
N ILE B 92 3.14 -6.51 -12.10
CA ILE B 92 3.15 -5.04 -12.12
C ILE B 92 4.56 -4.53 -12.36
N VAL B 93 5.55 -5.15 -11.72
CA VAL B 93 6.95 -4.76 -11.86
C VAL B 93 7.76 -5.97 -12.33
N PRO B 94 7.74 -6.30 -13.62
CA PRO B 94 8.46 -7.52 -14.06
C PRO B 94 9.97 -7.32 -14.05
N ARG B 95 10.44 -6.14 -14.44
CA ARG B 95 11.82 -5.71 -14.24
C ARG B 95 11.89 -4.20 -14.54
#